data_7KH9
#
_entry.id   7KH9
#
_cell.length_a   44.690
_cell.length_b   104.750
_cell.length_c   125.070
_cell.angle_alpha   90.000
_cell.angle_beta   90.000
_cell.angle_gamma   90.000
#
_symmetry.space_group_name_H-M   'P 2 21 21'
#
loop_
_entity.id
_entity.type
_entity.pdbx_description
1 polymer Beta-lactamase
2 non-polymer '(5R)-5-[(1S,2R)-1-formyl-2-hydroxypropyl]-3-[(2-{[(E)-iminomethyl]amino}ethyl)sulfanyl]-4,5-dihydro-1H-pyrrole-2-carbox ylic acid'
3 non-polymer 'CHLORIDE ION'
4 water water
#
_entity_poly.entity_id   1
_entity_poly.type   'polypeptide(L)'
_entity_poly.pdbx_seq_one_letter_code
;GHMWQENKSWNAHFTEHKSQGVVVLWNENKQQGFTNNLKRANQAFLPASTFAIPNSLIALDLGVVKDEHQVFKWDGQTRD
IATWNRDHNLITAMKYSVVPVYQEFARQIGEARMSKMLHAFDYGNEDISGNVDSFWLDGGIRISATEQISFLRKLYHNKL
HVSERSQRIVKQAMLTEANGDYIIRAKTGYSTRIEPKIGWWVGWVELDDNVWFFAMNMDMPTSDGLGLRQAITKEVLKQE
KIIP
;
_entity_poly.pdbx_strand_id   B,A
#
loop_
_chem_comp.id
_chem_comp.type
_chem_comp.name
_chem_comp.formula
CL non-polymer 'CHLORIDE ION' 'Cl -1'
IM2 non-polymer '(5R)-5-[(1S,2R)-1-formyl-2-hydroxypropyl]-3-[(2-{[(E)-iminomethyl]amino}ethyl)sulfanyl]-4,5-dihydro-1H-pyrrole-2-carbox ylic acid' 'C12 H19 N3 O4 S'
#
# COMPACT_ATOMS: atom_id res chain seq x y z
N MET A 3 -3.41 17.69 24.61
CA MET A 3 -4.41 18.47 23.88
C MET A 3 -5.64 17.62 23.59
N TRP A 4 -5.81 16.54 24.36
CA TRP A 4 -6.93 15.63 24.15
C TRP A 4 -8.26 16.37 24.24
N GLN A 5 -9.24 15.88 23.49
CA GLN A 5 -10.59 16.42 23.50
C GLN A 5 -11.58 15.27 23.59
N GLU A 6 -12.45 15.29 24.59
CA GLU A 6 -13.46 14.26 24.78
C GLU A 6 -14.76 14.69 24.13
N ASN A 7 -15.22 13.93 23.15
CA ASN A 7 -16.46 14.22 22.44
C ASN A 7 -17.41 13.06 22.66
N LYS A 8 -18.27 13.19 23.68
CA LYS A 8 -19.22 12.14 24.03
C LYS A 8 -20.30 11.93 22.97
N SER A 9 -20.38 12.81 21.96
CA SER A 9 -21.33 12.60 20.87
C SER A 9 -21.07 11.28 20.15
N TRP A 10 -19.80 10.83 20.12
CA TRP A 10 -19.46 9.59 19.43
C TRP A 10 -20.05 8.37 20.11
N ASN A 11 -20.44 8.48 21.38
CA ASN A 11 -20.99 7.33 22.10
C ASN A 11 -22.24 6.79 21.41
N ALA A 12 -22.95 7.65 20.68
CA ALA A 12 -24.13 7.18 19.95
C ALA A 12 -23.77 6.08 18.96
N HIS A 13 -22.59 6.15 18.35
CA HIS A 13 -22.17 5.11 17.42
C HIS A 13 -22.03 3.77 18.11
N PHE A 14 -21.72 3.77 19.41
CA PHE A 14 -21.69 2.51 20.16
C PHE A 14 -23.08 2.13 20.67
N THR A 15 -23.84 3.10 21.19
CA THR A 15 -25.16 2.79 21.75
C THR A 15 -26.13 2.29 20.70
N GLU A 16 -26.00 2.74 19.44
CA GLU A 16 -26.92 2.29 18.40
C GLU A 16 -26.87 0.79 18.22
N HIS A 17 -25.70 0.18 18.42
CA HIS A 17 -25.51 -1.26 18.29
C HIS A 17 -25.58 -1.98 19.63
N LYS A 18 -26.02 -1.29 20.70
CA LYS A 18 -26.03 -1.85 22.05
C LYS A 18 -24.64 -2.34 22.41
N SER A 19 -23.66 -1.47 22.17
CA SER A 19 -22.25 -1.78 22.36
C SER A 19 -21.61 -0.73 23.25
N GLN A 20 -20.42 -1.05 23.75
CA GLN A 20 -19.60 -0.13 24.52
C GLN A 20 -18.16 -0.22 24.02
N GLY A 21 -17.49 0.92 23.96
CA GLY A 21 -16.11 0.93 23.53
C GLY A 21 -15.57 2.34 23.44
N VAL A 22 -14.37 2.45 22.90
CA VAL A 22 -13.67 3.72 22.77
C VAL A 22 -13.11 3.84 21.36
N VAL A 23 -13.19 5.05 20.81
CA VAL A 23 -12.51 5.42 19.58
C VAL A 23 -11.56 6.56 19.90
N VAL A 24 -10.31 6.45 19.48
CA VAL A 24 -9.31 7.47 19.69
C VAL A 24 -8.75 7.90 18.34
N LEU A 25 -8.74 9.19 18.08
CA LEU A 25 -8.20 9.77 16.85
C LEU A 25 -7.07 10.72 17.21
N TRP A 26 -6.02 10.73 16.38
CA TRP A 26 -4.92 11.66 16.53
C TRP A 26 -4.69 12.36 15.20
N ASN A 27 -4.86 13.68 15.19
CA ASN A 27 -4.56 14.51 14.03
C ASN A 27 -3.07 14.82 14.05
N GLU A 28 -2.31 14.19 13.16
CA GLU A 28 -0.86 14.34 13.20
C GLU A 28 -0.43 15.76 12.86
N ASN A 29 -1.07 16.39 11.87
CA ASN A 29 -0.70 17.75 11.49
C ASN A 29 -0.94 18.73 12.62
N LYS A 30 -2.15 18.75 13.19
CA LYS A 30 -2.46 19.67 14.27
C LYS A 30 -1.95 19.20 15.63
N GLN A 31 -1.53 17.94 15.76
CA GLN A 31 -1.04 17.39 17.03
C GLN A 31 -2.11 17.46 18.13
N GLN A 32 -3.34 17.07 17.79
CA GLN A 32 -4.45 17.08 18.73
C GLN A 32 -5.16 15.74 18.67
N GLY A 33 -5.63 15.28 19.84
CA GLY A 33 -6.33 14.02 19.91
C GLY A 33 -7.82 14.16 20.21
N PHE A 34 -8.58 13.12 19.91
CA PHE A 34 -10.02 13.12 20.12
C PHE A 34 -10.47 11.72 20.54
N THR A 35 -11.41 11.65 21.48
CA THR A 35 -11.94 10.37 21.92
C THR A 35 -13.33 10.57 22.50
N ASN A 36 -14.11 9.48 22.53
CA ASN A 36 -15.42 9.49 23.17
C ASN A 36 -15.36 9.18 24.67
N ASN A 37 -14.29 8.52 25.12
CA ASN A 37 -14.17 8.08 26.51
C ASN A 37 -12.70 8.17 26.89
N LEU A 38 -12.33 9.23 27.62
CA LEU A 38 -10.93 9.44 27.95
C LEU A 38 -10.41 8.37 28.89
N LYS A 39 -11.25 7.94 29.84
CA LYS A 39 -10.83 6.92 30.81
C LYS A 39 -10.54 5.60 30.11
N ARG A 40 -11.45 5.17 29.24
CA ARG A 40 -11.23 3.91 28.51
C ARG A 40 -10.13 4.07 27.46
N ALA A 41 -9.93 5.27 26.94
CA ALA A 41 -8.84 5.50 25.99
C ALA A 41 -7.49 5.18 26.62
N ASN A 42 -7.33 5.42 27.91
CA ASN A 42 -6.10 5.13 28.63
C ASN A 42 -6.14 3.79 29.34
N GLN A 43 -7.17 2.99 29.11
CA GLN A 43 -7.29 1.69 29.75
C GLN A 43 -6.60 0.63 28.89
N ALA A 44 -5.76 -0.18 29.53
CA ALA A 44 -4.95 -1.16 28.81
C ALA A 44 -5.63 -2.52 28.79
N PHE A 45 -5.58 -3.18 27.64
CA PHE A 45 -6.14 -4.52 27.46
C PHE A 45 -5.08 -5.41 26.82
N LEU A 46 -5.42 -6.70 26.71
CA LEU A 46 -4.59 -7.60 25.93
C LEU A 46 -4.57 -7.15 24.47
N PRO A 47 -3.41 -7.11 23.82
CA PRO A 47 -3.38 -6.64 22.42
C PRO A 47 -4.00 -7.63 21.45
N ALA A 48 -3.99 -8.92 21.76
CA ALA A 48 -4.50 -10.00 20.88
C ALA A 48 -3.77 -9.88 19.54
N SER A 49 -4.47 -10.00 18.42
CA SER A 49 -3.81 -10.03 17.12
C SER A 49 -3.23 -8.69 16.68
N THR A 50 -3.53 -7.58 17.39
CA THR A 50 -2.83 -6.34 17.09
C THR A 50 -1.35 -6.42 17.46
N PHE A 51 -0.96 -7.41 18.26
CA PHE A 51 0.46 -7.67 18.52
C PHE A 51 1.18 -8.16 17.26
N ALA A 52 0.47 -8.47 16.18
CA ALA A 52 1.11 -8.91 14.96
C ALA A 52 2.04 -7.84 14.41
N ILE A 53 1.75 -6.56 14.66
CA ILE A 53 2.57 -5.47 14.17
C ILE A 53 3.94 -5.50 14.86
N PRO A 54 4.03 -5.41 16.19
CA PRO A 54 5.37 -5.48 16.81
C PRO A 54 6.04 -6.83 16.63
N ASN A 55 5.27 -7.93 16.58
CA ASN A 55 5.85 -9.24 16.41
C ASN A 55 6.53 -9.38 15.06
N SER A 56 5.87 -8.91 14.00
CA SER A 56 6.46 -8.98 12.66
C SER A 56 7.65 -8.04 12.53
N LEU A 57 7.60 -6.89 13.20
CA LEU A 57 8.74 -5.97 13.20
C LEU A 57 9.97 -6.64 13.79
N ILE A 58 9.82 -7.27 14.95
CA ILE A 58 10.95 -7.93 15.60
C ILE A 58 11.46 -9.09 14.76
N ALA A 59 10.53 -9.92 14.27
CA ALA A 59 10.93 -11.07 13.46
C ALA A 59 11.72 -10.63 12.23
N LEU A 60 11.28 -9.57 11.57
CA LEU A 60 11.98 -9.07 10.39
C LEU A 60 13.36 -8.53 10.76
N ASP A 61 13.42 -7.72 11.81
CA ASP A 61 14.69 -7.06 12.18
C ASP A 61 15.73 -8.07 12.64
N LEU A 62 15.31 -9.19 13.24
CA LEU A 62 16.23 -10.20 13.71
C LEU A 62 16.57 -11.25 12.65
N GLY A 63 15.98 -11.15 11.46
CA GLY A 63 16.22 -12.11 10.42
C GLY A 63 15.43 -13.39 10.52
N VAL A 64 14.54 -13.50 11.51
CA VAL A 64 13.66 -14.67 11.59
C VAL A 64 12.77 -14.74 10.36
N VAL A 65 12.33 -13.59 9.87
CA VAL A 65 11.63 -13.48 8.59
C VAL A 65 12.56 -12.77 7.62
N LYS A 66 12.83 -13.39 6.48
CA LYS A 66 13.74 -12.77 5.51
C LYS A 66 13.07 -11.62 4.77
N ASP A 67 11.88 -11.84 4.21
CA ASP A 67 11.11 -10.78 3.57
C ASP A 67 9.64 -11.17 3.58
N GLU A 68 8.83 -10.39 2.88
CA GLU A 68 7.39 -10.62 2.84
C GLU A 68 6.98 -11.75 1.91
N HIS A 69 7.93 -12.37 1.21
CA HIS A 69 7.64 -13.51 0.34
C HIS A 69 7.94 -14.86 0.97
N GLN A 70 8.66 -14.88 2.10
CA GLN A 70 9.06 -16.15 2.71
C GLN A 70 7.83 -16.93 3.16
N VAL A 71 7.76 -18.19 2.76
CA VAL A 71 6.59 -19.03 3.03
C VAL A 71 6.72 -19.62 4.42
N PHE A 72 5.63 -19.53 5.19
CA PHE A 72 5.54 -20.22 6.48
C PHE A 72 4.54 -21.35 6.30
N LYS A 73 5.03 -22.58 6.23
CA LYS A 73 4.19 -23.71 5.83
C LYS A 73 3.25 -24.11 6.96
N TRP A 74 2.03 -24.46 6.58
CA TRP A 74 1.04 -24.96 7.54
C TRP A 74 1.55 -26.22 8.22
N ASP A 75 1.37 -26.29 9.53
CA ASP A 75 1.90 -27.42 10.30
C ASP A 75 1.10 -28.70 10.12
N GLY A 76 -0.04 -28.66 9.44
CA GLY A 76 -0.86 -29.83 9.24
C GLY A 76 -2.03 -29.95 10.19
N GLN A 77 -2.07 -29.14 11.24
CA GLN A 77 -3.16 -29.19 12.22
C GLN A 77 -4.33 -28.36 11.74
N THR A 78 -5.49 -29.01 11.57
CA THR A 78 -6.70 -28.33 11.15
C THR A 78 -7.29 -27.56 12.33
N ARG A 79 -7.50 -26.26 12.15
CA ARG A 79 -8.02 -25.39 13.19
C ARG A 79 -9.34 -24.77 12.74
N ASP A 80 -9.99 -24.08 13.67
CA ASP A 80 -11.37 -23.63 13.46
C ASP A 80 -11.47 -22.72 12.23
N ILE A 81 -10.60 -21.74 12.13
CA ILE A 81 -10.65 -20.78 11.03
C ILE A 81 -9.94 -21.36 9.82
N ALA A 82 -10.68 -21.55 8.73
CA ALA A 82 -10.17 -22.30 7.58
C ALA A 82 -9.02 -21.59 6.89
N THR A 83 -9.00 -20.25 6.90
CA THR A 83 -7.91 -19.51 6.27
C THR A 83 -6.57 -19.78 6.94
N TRP A 84 -6.56 -20.35 8.15
CA TRP A 84 -5.33 -20.70 8.84
C TRP A 84 -4.70 -21.98 8.31
N ASN A 85 -5.49 -22.85 7.67
CA ASN A 85 -5.03 -24.17 7.26
C ASN A 85 -4.47 -24.13 5.84
N ARG A 86 -3.40 -23.36 5.67
CA ARG A 86 -2.71 -23.24 4.38
C ARG A 86 -1.34 -22.61 4.65
N ASP A 87 -0.56 -22.49 3.58
CA ASP A 87 0.70 -21.77 3.66
C ASP A 87 0.43 -20.27 3.64
N HIS A 88 1.31 -19.53 4.31
CA HIS A 88 1.16 -18.08 4.41
C HIS A 88 2.53 -17.41 4.33
N ASN A 89 2.52 -16.16 3.88
CA ASN A 89 3.66 -15.28 3.98
C ASN A 89 3.32 -14.15 4.97
N LEU A 90 4.26 -13.21 5.11
CA LEU A 90 4.04 -12.11 6.03
C LEU A 90 2.80 -11.29 5.67
N ILE A 91 2.47 -11.20 4.38
CA ILE A 91 1.34 -10.40 3.95
C ILE A 91 0.03 -11.09 4.32
N THR A 92 -0.12 -12.36 3.94
CA THR A 92 -1.39 -13.06 4.17
C THR A 92 -1.56 -13.42 5.63
N ALA A 93 -0.46 -13.63 6.36
CA ALA A 93 -0.56 -13.90 7.79
C ALA A 93 -1.20 -12.74 8.53
N MET A 94 -0.85 -11.51 8.16
CA MET A 94 -1.46 -10.34 8.80
C MET A 94 -2.90 -10.14 8.32
N LYS A 95 -3.16 -10.40 7.03
CA LYS A 95 -4.50 -10.21 6.50
C LYS A 95 -5.51 -11.14 7.16
N TYR A 96 -5.10 -12.37 7.49
CA TYR A 96 -6.00 -13.36 8.05
C TYR A 96 -5.78 -13.62 9.54
N SER A 97 -4.89 -12.84 10.17
CA SER A 97 -4.60 -12.96 11.61
C SER A 97 -4.28 -14.40 12.00
N VAL A 98 -3.29 -14.97 11.30
CA VAL A 98 -2.94 -16.38 11.47
C VAL A 98 -2.07 -16.55 12.70
N VAL A 99 -2.71 -16.79 13.85
CA VAL A 99 -2.04 -16.91 15.14
C VAL A 99 -0.92 -17.96 15.12
N PRO A 100 -1.10 -19.16 14.54
CA PRO A 100 0.00 -20.13 14.58
C PRO A 100 1.27 -19.63 13.94
N VAL A 101 1.16 -18.80 12.90
CA VAL A 101 2.36 -18.23 12.28
C VAL A 101 3.06 -17.30 13.27
N TYR A 102 2.30 -16.44 13.93
CA TYR A 102 2.89 -15.48 14.86
C TYR A 102 3.43 -16.16 16.12
N GLN A 103 2.80 -17.26 16.54
CA GLN A 103 3.35 -18.03 17.64
C GLN A 103 4.72 -18.61 17.27
N GLU A 104 4.87 -19.03 16.01
CA GLU A 104 6.16 -19.53 15.55
C GLU A 104 7.19 -18.40 15.51
N PHE A 105 6.77 -17.19 15.13
CA PHE A 105 7.65 -16.04 15.21
C PHE A 105 8.18 -15.84 16.62
N ALA A 106 7.28 -15.88 17.61
CA ALA A 106 7.67 -15.58 18.99
C ALA A 106 8.60 -16.64 19.55
N ARG A 107 8.39 -17.91 19.18
CA ARG A 107 9.28 -18.97 19.65
C ARG A 107 10.69 -18.78 19.11
N GLN A 108 10.81 -18.37 17.84
CA GLN A 108 12.13 -18.17 17.26
C GLN A 108 12.80 -16.91 17.80
N ILE A 109 12.02 -15.85 18.06
CA ILE A 109 12.59 -14.65 18.68
C ILE A 109 13.11 -14.95 20.08
N GLY A 110 12.33 -15.68 20.86
CA GLY A 110 12.70 -16.04 22.22
C GLY A 110 12.29 -15.01 23.26
N GLU A 111 12.20 -15.48 24.50
CA GLU A 111 11.76 -14.65 25.62
C GLU A 111 12.67 -13.45 25.83
N ALA A 112 13.99 -13.67 25.80
CA ALA A 112 14.93 -12.60 26.11
C ALA A 112 14.87 -11.49 25.06
N ARG A 113 14.96 -11.86 23.78
CA ARG A 113 14.94 -10.85 22.74
C ARG A 113 13.58 -10.17 22.61
N MET A 114 12.49 -10.93 22.83
CA MET A 114 11.16 -10.33 22.79
C MET A 114 10.98 -9.31 23.90
N SER A 115 11.47 -9.62 25.11
CA SER A 115 11.32 -8.70 26.23
C SER A 115 12.03 -7.37 25.97
N LYS A 116 13.23 -7.43 25.40
CA LYS A 116 14.02 -6.22 25.25
C LYS A 116 13.55 -5.39 24.07
N MET A 117 13.09 -6.05 23.01
CA MET A 117 12.48 -5.34 21.89
C MET A 117 11.25 -4.55 22.33
N LEU A 118 10.41 -5.15 23.16
CA LEU A 118 9.21 -4.47 23.63
C LEU A 118 9.57 -3.27 24.52
N HIS A 119 10.63 -3.41 25.33
CA HIS A 119 11.09 -2.25 26.10
C HIS A 119 11.62 -1.16 25.18
N ALA A 120 12.39 -1.54 24.16
CA ALA A 120 12.88 -0.56 23.19
C ALA A 120 11.73 0.13 22.48
N PHE A 121 10.67 -0.62 22.16
CA PHE A 121 9.48 -0.05 21.53
C PHE A 121 8.65 0.79 22.49
N ASP A 122 8.94 0.76 23.79
CA ASP A 122 8.10 1.40 24.80
C ASP A 122 6.65 0.94 24.65
N TYR A 123 6.48 -0.36 24.44
CA TYR A 123 5.19 -0.93 24.04
C TYR A 123 4.40 -1.33 25.28
N GLY A 124 3.33 -0.58 25.56
CA GLY A 124 2.42 -0.94 26.64
C GLY A 124 3.14 -1.10 27.96
N ASN A 125 2.67 -2.05 28.77
CA ASN A 125 3.32 -2.32 30.05
C ASN A 125 4.60 -3.14 29.91
N GLU A 126 4.97 -3.52 28.67
CA GLU A 126 6.24 -4.17 28.37
C GLU A 126 6.43 -5.49 29.13
N ASP A 127 5.34 -6.14 29.53
CA ASP A 127 5.39 -7.35 30.36
C ASP A 127 4.99 -8.55 29.51
N ILE A 128 5.95 -9.43 29.22
CA ILE A 128 5.68 -10.58 28.38
C ILE A 128 5.51 -11.84 29.25
N SER A 129 5.05 -11.65 30.48
CA SER A 129 4.89 -12.77 31.40
C SER A 129 3.91 -13.79 30.86
N GLY A 130 4.27 -15.06 30.98
CA GLY A 130 3.45 -16.15 30.46
C GLY A 130 4.17 -16.96 29.41
N ASN A 131 3.42 -17.72 28.62
CA ASN A 131 4.03 -18.50 27.54
C ASN A 131 4.60 -17.57 26.48
N VAL A 132 5.79 -17.89 26.00
CA VAL A 132 6.45 -17.06 24.99
C VAL A 132 5.65 -16.99 23.71
N ASP A 133 4.79 -17.98 23.44
CA ASP A 133 4.01 -18.02 22.21
C ASP A 133 2.53 -17.72 22.44
N SER A 134 2.17 -17.18 23.60
CA SER A 134 0.78 -16.81 23.83
C SER A 134 0.61 -15.60 24.74
N PHE A 135 1.70 -14.94 25.17
CA PHE A 135 1.56 -13.87 26.16
C PHE A 135 0.66 -12.75 25.67
N TRP A 136 0.64 -12.46 24.37
CA TRP A 136 -0.25 -11.41 23.88
C TRP A 136 -1.69 -11.88 23.75
N LEU A 137 -1.98 -13.14 24.08
CA LEU A 137 -3.32 -13.69 24.07
C LEU A 137 -3.82 -14.02 25.47
N ASP A 138 -2.95 -14.52 26.35
CA ASP A 138 -3.36 -14.94 27.68
C ASP A 138 -2.32 -14.62 28.75
N GLY A 139 -1.32 -13.81 28.44
CA GLY A 139 -0.26 -13.43 29.35
C GLY A 139 -0.50 -12.06 29.98
N GLY A 140 0.61 -11.43 30.39
CA GLY A 140 0.58 -10.18 31.11
C GLY A 140 0.72 -8.89 30.32
N ILE A 141 0.90 -8.95 29.00
CA ILE A 141 1.10 -7.73 28.23
C ILE A 141 -0.21 -6.97 28.11
N ARG A 142 -0.16 -5.66 28.36
CA ARG A 142 -1.33 -4.81 28.33
C ARG A 142 -0.97 -3.50 27.64
N ILE A 143 -1.87 -3.02 26.79
CA ILE A 143 -1.66 -1.78 26.06
C ILE A 143 -2.99 -1.05 25.92
N SER A 144 -2.95 0.27 26.04
CA SER A 144 -4.14 1.10 25.91
C SER A 144 -4.25 1.63 24.48
N ALA A 145 -5.42 2.21 24.18
CA ALA A 145 -5.64 2.78 22.85
C ALA A 145 -4.68 3.94 22.60
N THR A 146 -4.46 4.79 23.60
CA THR A 146 -3.53 5.90 23.43
C THR A 146 -2.09 5.41 23.32
N GLU A 147 -1.77 4.29 23.98
CA GLU A 147 -0.43 3.72 23.84
C GLU A 147 -0.25 3.07 22.48
N GLN A 148 -1.31 2.48 21.92
CA GLN A 148 -1.25 1.95 20.56
C GLN A 148 -0.92 3.05 19.56
N ILE A 149 -1.63 4.19 19.67
CA ILE A 149 -1.36 5.32 18.79
C ILE A 149 0.06 5.83 18.97
N SER A 150 0.52 5.90 20.22
CA SER A 150 1.91 6.29 20.48
C SER A 150 2.88 5.37 19.75
N PHE A 151 2.64 4.06 19.79
CA PHE A 151 3.50 3.12 19.09
C PHE A 151 3.38 3.27 17.58
N LEU A 152 2.16 3.46 17.08
CA LEU A 152 1.96 3.55 15.63
C LEU A 152 2.58 4.81 15.05
N ARG A 153 2.57 5.92 15.79
CA ARG A 153 3.17 7.15 15.28
C ARG A 153 4.68 6.98 15.08
N LYS A 154 5.34 6.28 15.99
CA LYS A 154 6.75 5.96 15.81
C LYS A 154 6.95 5.10 14.56
N LEU A 155 6.09 4.10 14.37
CA LEU A 155 6.19 3.24 13.19
C LEU A 155 6.02 4.04 11.91
N TYR A 156 5.05 4.97 11.88
CA TYR A 156 4.80 5.74 10.67
C TYR A 156 6.03 6.55 10.26
N HIS A 157 6.75 7.12 11.22
CA HIS A 157 7.91 7.95 10.95
C HIS A 157 9.22 7.17 10.94
N ASN A 158 9.17 5.83 11.02
CA ASN A 158 10.36 4.98 11.02
C ASN A 158 11.25 5.28 12.24
N LYS A 159 10.64 5.71 13.33
CA LYS A 159 11.39 6.09 14.52
C LYS A 159 11.62 4.94 15.49
N LEU A 160 10.96 3.79 15.30
CA LEU A 160 11.20 2.65 16.18
C LEU A 160 12.64 2.17 16.03
N HIS A 161 13.15 1.56 17.09
CA HIS A 161 14.55 1.16 17.15
C HIS A 161 14.79 -0.21 16.52
N VAL A 162 14.32 -0.31 15.27
CA VAL A 162 14.63 -1.39 14.36
C VAL A 162 14.99 -0.75 13.01
N SER A 163 15.29 -1.59 12.02
CA SER A 163 15.72 -1.08 10.73
C SER A 163 14.56 -0.37 10.03
N GLU A 164 14.92 0.62 9.20
CA GLU A 164 13.91 1.29 8.38
C GLU A 164 13.25 0.30 7.43
N ARG A 165 14.02 -0.66 6.90
CA ARG A 165 13.46 -1.66 5.99
C ARG A 165 12.38 -2.49 6.67
N SER A 166 12.65 -2.96 7.89
CA SER A 166 11.67 -3.77 8.60
C SER A 166 10.39 -2.99 8.88
N GLN A 167 10.51 -1.69 9.14
CA GLN A 167 9.32 -0.89 9.40
C GLN A 167 8.54 -0.64 8.11
N ARG A 168 9.23 -0.48 6.99
CA ARG A 168 8.54 -0.33 5.71
C ARG A 168 7.79 -1.60 5.33
N ILE A 169 8.40 -2.77 5.55
CA ILE A 169 7.77 -4.02 5.18
C ILE A 169 6.51 -4.25 6.01
N VAL A 170 6.58 -3.97 7.31
CA VAL A 170 5.42 -4.16 8.19
C VAL A 170 4.30 -3.21 7.79
N LYS A 171 4.63 -1.95 7.49
CA LYS A 171 3.62 -1.00 7.04
C LYS A 171 3.00 -1.44 5.71
N GLN A 172 3.76 -2.14 4.88
CA GLN A 172 3.19 -2.74 3.68
C GLN A 172 2.22 -3.86 4.04
N ALA A 173 2.59 -4.70 5.01
CA ALA A 173 1.70 -5.78 5.44
C ALA A 173 0.44 -5.25 6.11
N MET A 174 0.51 -4.06 6.73
CA MET A 174 -0.66 -3.47 7.36
C MET A 174 -1.68 -2.94 6.36
N LEU A 175 -1.36 -2.92 5.07
CA LEU A 175 -2.27 -2.36 4.08
C LEU A 175 -3.59 -3.10 4.13
N THR A 176 -4.66 -2.36 4.35
CA THR A 176 -6.01 -2.91 4.49
C THR A 176 -6.95 -2.42 3.40
N GLU A 177 -6.96 -1.12 3.13
CA GLU A 177 -7.84 -0.55 2.11
C GLU A 177 -7.23 0.73 1.55
N ALA A 178 -7.43 0.94 0.25
CA ALA A 178 -6.96 2.16 -0.41
C ALA A 178 -7.85 2.48 -1.60
N ASN A 179 -8.10 3.78 -1.80
CA ASN A 179 -8.83 4.27 -2.97
C ASN A 179 -8.33 5.68 -3.27
N GLY A 180 -9.03 6.38 -4.16
CA GLY A 180 -8.64 7.74 -4.51
C GLY A 180 -8.80 8.75 -3.40
N ASP A 181 -9.43 8.38 -2.28
CA ASP A 181 -9.69 9.29 -1.18
C ASP A 181 -8.76 9.09 0.01
N TYR A 182 -8.40 7.84 0.32
CA TYR A 182 -7.64 7.58 1.54
C TYR A 182 -6.94 6.23 1.43
N ILE A 183 -5.94 6.05 2.29
CA ILE A 183 -5.26 4.78 2.48
C ILE A 183 -5.35 4.43 3.96
N ILE A 184 -5.73 3.19 4.26
CA ILE A 184 -5.82 2.72 5.64
C ILE A 184 -4.80 1.60 5.82
N ARG A 185 -3.89 1.80 6.76
CA ARG A 185 -2.98 0.76 7.22
C ARG A 185 -3.34 0.46 8.66
N ALA A 186 -3.72 -0.78 8.95
CA ALA A 186 -4.31 -1.10 10.23
C ALA A 186 -4.19 -2.60 10.50
N LYS A 187 -4.62 -3.01 11.69
CA LYS A 187 -4.61 -4.40 12.10
C LYS A 187 -5.75 -4.64 13.07
N THR A 188 -6.55 -5.67 12.82
CA THR A 188 -7.65 -6.04 13.69
C THR A 188 -7.16 -6.93 14.84
N GLY A 189 -7.99 -7.02 15.87
CA GLY A 189 -7.69 -7.89 16.99
C GLY A 189 -8.96 -8.33 17.67
N TYR A 190 -8.96 -9.56 18.18
CA TYR A 190 -10.09 -10.12 18.94
C TYR A 190 -9.54 -10.92 20.11
N SER A 191 -9.70 -10.39 21.33
CA SER A 191 -9.21 -11.05 22.54
C SER A 191 -10.31 -11.90 23.15
N THR A 192 -10.13 -13.23 23.11
CA THR A 192 -11.15 -14.17 23.54
C THR A 192 -10.73 -15.08 24.69
N ARG A 193 -9.44 -15.15 25.01
CA ARG A 193 -8.99 -16.10 26.04
C ARG A 193 -9.28 -15.58 27.44
N ILE A 194 -9.06 -14.30 27.70
CA ILE A 194 -9.23 -13.70 29.01
C ILE A 194 -10.32 -12.63 28.92
N GLU A 195 -11.17 -12.58 29.94
CA GLU A 195 -12.17 -11.54 30.02
C GLU A 195 -11.52 -10.22 30.42
N PRO A 196 -12.01 -9.08 29.91
CA PRO A 196 -13.20 -8.98 29.04
C PRO A 196 -12.89 -9.28 27.58
N LYS A 197 -13.84 -9.90 26.88
CA LYS A 197 -13.70 -10.12 25.46
C LYS A 197 -13.88 -8.79 24.72
N ILE A 198 -12.87 -8.40 23.95
CA ILE A 198 -12.90 -7.13 23.24
C ILE A 198 -12.39 -7.34 21.81
N GLY A 199 -12.83 -6.46 20.93
CA GLY A 199 -12.31 -6.38 19.57
C GLY A 199 -11.50 -5.10 19.42
N TRP A 200 -10.42 -5.18 18.63
CA TRP A 200 -9.51 -4.07 18.39
C TRP A 200 -9.58 -3.63 16.94
N TRP A 201 -9.22 -2.36 16.71
CA TRP A 201 -8.81 -1.91 15.38
C TRP A 201 -7.90 -0.71 15.57
N VAL A 202 -6.63 -0.87 15.19
CA VAL A 202 -5.63 0.18 15.35
C VAL A 202 -4.90 0.35 14.03
N GLY A 203 -4.52 1.59 13.72
CA GLY A 203 -3.84 1.90 12.48
C GLY A 203 -3.91 3.40 12.21
N TRP A 204 -3.91 3.75 10.93
CA TRP A 204 -4.01 5.16 10.56
C TRP A 204 -4.63 5.30 9.18
N VAL A 205 -5.14 6.50 8.92
CA VAL A 205 -5.74 6.86 7.64
C VAL A 205 -4.83 7.88 6.98
N GLU A 206 -4.28 7.53 5.83
CA GLU A 206 -3.38 8.41 5.10
C GLU A 206 -4.19 9.26 4.13
N LEU A 207 -4.07 10.58 4.26
CA LEU A 207 -4.63 11.52 3.30
C LEU A 207 -3.50 12.13 2.49
N ASP A 208 -3.87 12.90 1.47
CA ASP A 208 -2.87 13.58 0.65
C ASP A 208 -1.99 14.49 1.50
N ASP A 209 -2.59 15.15 2.48
CA ASP A 209 -1.98 16.24 3.20
C ASP A 209 -1.86 16.01 4.71
N ASN A 210 -2.36 14.90 5.23
CA ASN A 210 -2.40 14.67 6.67
C ASN A 210 -2.48 13.16 6.94
N VAL A 211 -2.17 12.79 8.18
CA VAL A 211 -2.30 11.42 8.67
C VAL A 211 -3.19 11.44 9.90
N TRP A 212 -4.20 10.56 9.92
CA TRP A 212 -5.09 10.41 11.07
C TRP A 212 -4.86 9.02 11.67
N PHE A 213 -4.24 8.97 12.84
CA PHE A 213 -4.04 7.71 13.55
C PHE A 213 -5.28 7.37 14.35
N PHE A 214 -5.66 6.08 14.35
CA PHE A 214 -6.82 5.63 15.09
C PHE A 214 -6.51 4.38 15.90
N ALA A 215 -7.15 4.30 17.07
CA ALA A 215 -7.10 3.10 17.91
C ALA A 215 -8.45 2.95 18.58
N MET A 216 -9.12 1.82 18.35
CA MET A 216 -10.43 1.56 18.91
C MET A 216 -10.50 0.14 19.49
N ASN A 217 -11.24 0.00 20.58
CA ASN A 217 -11.56 -1.29 21.17
C ASN A 217 -12.99 -1.25 21.69
N MET A 218 -13.68 -2.39 21.63
CA MET A 218 -15.08 -2.44 22.04
C MET A 218 -15.36 -3.83 22.62
N ASP A 219 -16.35 -3.89 23.52
CA ASP A 219 -16.74 -5.18 24.08
C ASP A 219 -17.27 -6.09 22.99
N MET A 220 -16.77 -7.33 22.94
CA MET A 220 -17.13 -8.30 21.91
C MET A 220 -17.57 -9.61 22.56
N PRO A 221 -18.77 -9.63 23.15
CA PRO A 221 -19.21 -10.87 23.81
C PRO A 221 -19.41 -12.02 22.84
N THR A 222 -19.89 -11.74 21.63
CA THR A 222 -20.07 -12.73 20.58
C THR A 222 -19.31 -12.31 19.33
N SER A 223 -19.04 -13.28 18.46
CA SER A 223 -18.26 -13.05 17.27
C SER A 223 -19.04 -12.38 16.15
N ASP A 224 -20.35 -12.21 16.32
CA ASP A 224 -21.21 -11.68 15.26
C ASP A 224 -21.15 -10.16 15.17
N GLY A 225 -20.52 -9.50 16.12
CA GLY A 225 -20.30 -8.07 16.09
C GLY A 225 -18.93 -7.63 15.65
N LEU A 226 -18.12 -8.53 15.09
CA LEU A 226 -16.74 -8.17 14.74
C LEU A 226 -16.71 -7.09 13.66
N GLY A 227 -17.68 -7.10 12.74
CA GLY A 227 -17.74 -6.07 11.72
C GLY A 227 -17.94 -4.67 12.27
N LEU A 228 -18.40 -4.55 13.52
CA LEU A 228 -18.57 -3.23 14.13
C LEU A 228 -17.24 -2.54 14.41
N ARG A 229 -16.15 -3.30 14.47
CA ARG A 229 -14.84 -2.69 14.70
C ARG A 229 -14.53 -1.67 13.60
N GLN A 230 -14.61 -2.09 12.35
CA GLN A 230 -14.37 -1.18 11.24
C GLN A 230 -15.56 -0.25 11.00
N ALA A 231 -16.78 -0.74 11.20
CA ALA A 231 -17.97 0.03 10.88
C ALA A 231 -18.09 1.26 11.78
N ILE A 232 -17.90 1.08 13.09
CA ILE A 232 -18.00 2.21 14.01
C ILE A 232 -16.86 3.19 13.77
N THR A 233 -15.65 2.69 13.50
CA THR A 233 -14.53 3.57 13.23
C THR A 233 -14.78 4.43 11.99
N LYS A 234 -15.29 3.82 10.92
CA LYS A 234 -15.62 4.60 9.73
C LYS A 234 -16.76 5.57 9.98
N GLU A 235 -17.72 5.20 10.83
CA GLU A 235 -18.77 6.14 11.22
C GLU A 235 -18.18 7.36 11.90
N VAL A 236 -17.19 7.15 12.78
CA VAL A 236 -16.53 8.27 13.44
C VAL A 236 -15.70 9.06 12.44
N LEU A 237 -15.00 8.36 11.53
CA LEU A 237 -14.18 9.04 10.54
C LEU A 237 -15.05 9.87 9.59
N LYS A 238 -16.18 9.32 9.16
CA LYS A 238 -17.09 10.06 8.31
C LYS A 238 -17.65 11.30 9.01
N GLN A 239 -18.02 11.16 10.29
CA GLN A 239 -18.57 12.28 11.03
C GLN A 239 -17.59 13.43 11.13
N GLU A 240 -16.30 13.12 11.31
CA GLU A 240 -15.27 14.14 11.42
C GLU A 240 -14.76 14.61 10.07
N LYS A 241 -15.42 14.25 8.98
CA LYS A 241 -15.07 14.65 7.61
C LYS A 241 -13.69 14.15 7.20
N ILE A 242 -13.18 13.11 7.85
CA ILE A 242 -11.86 12.59 7.51
C ILE A 242 -11.93 11.77 6.22
N ILE A 243 -12.96 10.95 6.06
CA ILE A 243 -13.22 10.24 4.81
C ILE A 243 -14.60 10.63 4.32
N PRO A 244 -14.88 10.57 3.01
CA PRO A 244 -16.21 10.90 2.50
C PRO A 244 -17.28 9.94 3.01
N MET B 3 4.73 -18.25 -24.79
CA MET B 3 5.02 -17.08 -23.98
C MET B 3 3.90 -16.05 -24.07
N TRP B 4 3.68 -15.54 -25.27
CA TRP B 4 2.64 -14.54 -25.52
C TRP B 4 1.53 -15.17 -26.36
N GLN B 5 0.33 -15.22 -25.80
CA GLN B 5 -0.82 -15.85 -26.44
C GLN B 5 -1.83 -14.77 -26.81
N GLU B 6 -2.16 -14.69 -28.09
CA GLU B 6 -3.10 -13.68 -28.58
C GLU B 6 -4.53 -14.19 -28.41
N ASN B 7 -5.33 -13.48 -27.63
CA ASN B 7 -6.75 -13.78 -27.47
C ASN B 7 -7.54 -12.61 -28.07
N LYS B 8 -7.90 -12.74 -29.35
CA LYS B 8 -8.65 -11.70 -30.05
C LYS B 8 -10.05 -11.52 -29.48
N SER B 9 -10.50 -12.40 -28.60
CA SER B 9 -11.79 -12.22 -27.95
C SER B 9 -11.84 -10.94 -27.13
N TRP B 10 -10.69 -10.50 -26.63
CA TRP B 10 -10.63 -9.29 -25.81
C TRP B 10 -10.89 -8.03 -26.63
N ASN B 11 -10.73 -8.10 -27.96
CA ASN B 11 -10.95 -6.93 -28.80
C ASN B 11 -12.34 -6.35 -28.61
N ALA B 12 -13.30 -7.17 -28.19
CA ALA B 12 -14.66 -6.68 -27.95
C ALA B 12 -14.69 -5.65 -26.84
N HIS B 13 -13.74 -5.70 -25.91
CA HIS B 13 -13.74 -4.74 -24.81
C HIS B 13 -13.39 -3.34 -25.28
N PHE B 14 -12.66 -3.22 -26.40
CA PHE B 14 -12.38 -1.93 -27.00
C PHE B 14 -13.47 -1.53 -27.99
N THR B 15 -13.88 -2.46 -28.86
CA THR B 15 -14.88 -2.14 -29.87
C THR B 15 -16.24 -1.81 -29.26
N GLU B 16 -16.54 -2.37 -28.07
CA GLU B 16 -17.78 -2.03 -27.40
C GLU B 16 -17.79 -0.58 -26.89
N HIS B 17 -16.61 0.00 -26.67
CA HIS B 17 -16.49 1.39 -26.27
C HIS B 17 -16.03 2.30 -27.41
N LYS B 18 -16.16 1.82 -28.66
CA LYS B 18 -15.72 2.57 -29.84
C LYS B 18 -14.25 2.95 -29.72
N SER B 19 -13.45 2.04 -29.20
CA SER B 19 -12.06 2.33 -28.85
C SER B 19 -11.12 1.45 -29.66
N GLN B 20 -9.85 1.81 -29.58
CA GLN B 20 -8.76 1.02 -30.15
C GLN B 20 -7.64 0.99 -29.13
N GLY B 21 -7.12 -0.21 -28.84
CA GLY B 21 -6.03 -0.29 -27.89
C GLY B 21 -5.55 -1.71 -27.74
N VAL B 22 -4.68 -1.90 -26.75
CA VAL B 22 -4.11 -3.20 -26.43
C VAL B 22 -4.13 -3.38 -24.91
N VAL B 23 -4.46 -4.58 -24.46
CA VAL B 23 -4.28 -5.00 -23.08
C VAL B 23 -3.28 -6.14 -23.07
N VAL B 24 -2.33 -6.08 -22.14
CA VAL B 24 -1.31 -7.11 -22.00
C VAL B 24 -1.31 -7.58 -20.55
N LEU B 25 -1.52 -8.87 -20.34
CA LEU B 25 -1.53 -9.48 -19.02
C LEU B 25 -0.39 -10.47 -18.90
N TRP B 26 0.25 -10.51 -17.74
CA TRP B 26 1.30 -11.49 -17.45
C TRP B 26 0.97 -12.21 -16.16
N ASN B 27 0.85 -13.54 -16.24
CA ASN B 27 0.64 -14.39 -15.08
C ASN B 27 2.00 -14.79 -14.53
N GLU B 28 2.36 -14.25 -13.35
CA GLU B 28 3.69 -14.47 -12.82
C GLU B 28 3.92 -15.93 -12.42
N ASN B 29 2.90 -16.58 -11.84
CA ASN B 29 3.08 -17.96 -11.40
C ASN B 29 3.25 -18.92 -12.58
N LYS B 30 2.44 -18.78 -13.62
CA LYS B 30 2.57 -19.69 -14.76
C LYS B 30 3.54 -19.20 -15.82
N GLN B 31 4.10 -17.99 -15.64
CA GLN B 31 5.00 -17.37 -16.61
C GLN B 31 4.40 -17.38 -18.02
N GLN B 32 3.15 -16.97 -18.12
CA GLN B 32 2.43 -16.86 -19.38
C GLN B 32 1.91 -15.45 -19.59
N GLY B 33 1.90 -15.01 -20.84
CA GLY B 33 1.40 -13.70 -21.21
C GLY B 33 0.23 -13.78 -22.17
N PHE B 34 -0.65 -12.79 -22.11
CA PHE B 34 -1.83 -12.74 -22.96
C PHE B 34 -2.04 -11.32 -23.46
N THR B 35 -2.64 -11.20 -24.65
CA THR B 35 -2.90 -9.89 -25.26
C THR B 35 -3.95 -10.03 -26.34
N ASN B 36 -4.73 -8.96 -26.53
CA ASN B 36 -5.68 -8.90 -27.63
C ASN B 36 -4.98 -8.69 -28.98
N ASN B 37 -3.89 -7.92 -29.00
CA ASN B 37 -3.24 -7.53 -30.25
C ASN B 37 -1.72 -7.63 -30.06
N LEU B 38 -1.11 -8.63 -30.69
CA LEU B 38 0.33 -8.83 -30.57
C LEU B 38 1.12 -7.69 -31.20
N LYS B 39 0.67 -7.18 -32.35
CA LYS B 39 1.41 -6.13 -33.03
C LYS B 39 1.44 -4.87 -32.18
N ARG B 40 0.26 -4.43 -31.71
CA ARG B 40 0.22 -3.23 -30.88
C ARG B 40 0.88 -3.45 -29.53
N ALA B 41 0.81 -4.68 -29.00
CA ALA B 41 1.49 -4.99 -27.74
C ALA B 41 2.98 -4.74 -27.82
N ASN B 42 3.55 -4.80 -29.02
CA ASN B 42 4.98 -4.58 -29.23
C ASN B 42 5.27 -3.27 -29.95
N GLN B 43 4.28 -2.39 -30.09
CA GLN B 43 4.49 -1.06 -30.63
C GLN B 43 4.84 -0.12 -29.49
N ALA B 44 5.85 0.71 -29.69
CA ALA B 44 6.35 1.59 -28.64
C ALA B 44 5.73 2.98 -28.77
N PHE B 45 5.35 3.54 -27.62
CA PHE B 45 4.74 4.86 -27.55
C PHE B 45 5.47 5.70 -26.52
N LEU B 46 5.22 7.01 -26.57
CA LEU B 46 5.73 7.90 -25.53
C LEU B 46 5.18 7.47 -24.17
N PRO B 47 6.02 7.34 -23.15
CA PRO B 47 5.52 6.86 -21.85
C PRO B 47 4.59 7.86 -21.15
N ALA B 48 4.79 9.15 -21.37
CA ALA B 48 4.03 10.23 -20.72
C ALA B 48 4.20 10.05 -19.21
N SER B 49 3.13 10.21 -18.41
CA SER B 49 3.27 10.19 -16.96
C SER B 49 3.62 8.80 -16.41
N THR B 50 3.60 7.73 -17.23
CA THR B 50 4.11 6.46 -16.72
C THR B 50 5.62 6.50 -16.51
N PHE B 51 6.31 7.47 -17.10
CA PHE B 51 7.73 7.68 -16.80
C PHE B 51 7.95 8.08 -15.36
N ALA B 52 6.89 8.41 -14.62
CA ALA B 52 7.04 8.76 -13.21
C ALA B 52 7.62 7.61 -12.39
N ILE B 53 7.47 6.37 -12.84
CA ILE B 53 8.00 5.23 -12.10
C ILE B 53 9.53 5.21 -12.22
N PRO B 54 10.12 5.14 -13.43
CA PRO B 54 11.59 5.19 -13.49
C PRO B 54 12.16 6.51 -13.01
N ASN B 55 11.46 7.63 -13.27
CA ASN B 55 11.93 8.93 -12.81
C ASN B 55 12.04 8.97 -11.29
N SER B 56 11.00 8.51 -10.59
CA SER B 56 11.03 8.52 -9.12
C SER B 56 12.10 7.57 -8.59
N LEU B 57 12.30 6.44 -9.26
CA LEU B 57 13.33 5.50 -8.84
C LEU B 57 14.72 6.14 -8.90
N ILE B 58 15.03 6.79 -10.01
CA ILE B 58 16.35 7.40 -10.18
C ILE B 58 16.53 8.57 -9.22
N ALA B 59 15.49 9.39 -9.04
CA ALA B 59 15.57 10.53 -8.13
C ALA B 59 15.83 10.07 -6.70
N LEU B 60 15.20 8.97 -6.28
CA LEU B 60 15.42 8.45 -4.94
C LEU B 60 16.80 7.85 -4.79
N ASP B 61 17.23 7.05 -5.78
CA ASP B 61 18.51 6.37 -5.69
C ASP B 61 19.68 7.35 -5.66
N LEU B 62 19.56 8.46 -6.39
CA LEU B 62 20.62 9.45 -6.44
C LEU B 62 20.53 10.48 -5.32
N GLY B 63 19.59 10.34 -4.40
CA GLY B 63 19.44 11.30 -3.33
C GLY B 63 18.82 12.63 -3.74
N VAL B 64 18.35 12.75 -4.99
CA VAL B 64 17.63 13.95 -5.39
C VAL B 64 16.37 14.11 -4.54
N VAL B 65 15.70 12.99 -4.26
CA VAL B 65 14.59 12.95 -3.32
C VAL B 65 15.06 12.16 -2.11
N LYS B 66 14.91 12.74 -0.92
CA LYS B 66 15.33 12.06 0.30
C LYS B 66 14.40 10.90 0.64
N ASP B 67 13.10 11.16 0.66
CA ASP B 67 12.11 10.14 0.97
C ASP B 67 10.75 10.62 0.47
N GLU B 68 9.73 9.82 0.73
CA GLU B 68 8.38 10.08 0.25
C GLU B 68 7.67 11.18 1.04
N HIS B 69 8.31 11.77 2.05
CA HIS B 69 7.72 12.86 2.81
C HIS B 69 8.22 14.24 2.39
N GLN B 70 9.34 14.31 1.65
CA GLN B 70 9.89 15.59 1.23
C GLN B 70 8.87 16.37 0.42
N VAL B 71 8.70 17.64 0.78
CA VAL B 71 7.70 18.50 0.14
C VAL B 71 8.34 19.22 -1.03
N PHE B 72 7.69 19.14 -2.19
CA PHE B 72 8.09 19.92 -3.36
C PHE B 72 7.11 21.07 -3.52
N LYS B 73 7.59 22.29 -3.29
CA LYS B 73 6.72 23.44 -3.22
C LYS B 73 6.16 23.80 -4.60
N TRP B 74 4.88 24.17 -4.62
CA TRP B 74 4.28 24.73 -5.82
C TRP B 74 4.89 26.10 -6.11
N ASP B 75 5.22 26.34 -7.38
CA ASP B 75 5.86 27.59 -7.75
C ASP B 75 4.88 28.76 -7.89
N GLY B 76 3.65 28.60 -7.42
CA GLY B 76 2.68 29.68 -7.46
C GLY B 76 2.16 30.03 -8.83
N GLN B 77 2.42 29.18 -9.84
CA GLN B 77 1.96 29.41 -11.20
C GLN B 77 0.83 28.43 -11.49
N THR B 78 -0.35 28.96 -11.82
CA THR B 78 -1.52 28.13 -12.05
C THR B 78 -1.43 27.43 -13.39
N ARG B 79 -1.59 26.11 -13.39
CA ARG B 79 -1.64 25.31 -14.59
C ARG B 79 -3.02 24.66 -14.72
N ASP B 80 -3.26 24.05 -15.89
CA ASP B 80 -4.62 23.64 -16.25
C ASP B 80 -5.19 22.59 -15.29
N ILE B 81 -4.35 21.70 -14.77
CA ILE B 81 -4.80 20.63 -13.89
C ILE B 81 -4.77 21.15 -12.46
N ALA B 82 -5.96 21.31 -11.87
CA ALA B 82 -6.07 22.00 -10.59
C ALA B 82 -5.27 21.32 -9.48
N THR B 83 -5.18 20.00 -9.51
CA THR B 83 -4.44 19.29 -8.46
C THR B 83 -2.95 19.55 -8.52
N TRP B 84 -2.43 20.14 -9.60
CA TRP B 84 -1.03 20.50 -9.67
C TRP B 84 -0.70 21.75 -8.88
N ASN B 85 -1.69 22.62 -8.62
CA ASN B 85 -1.44 23.95 -8.10
C ASN B 85 -1.42 23.94 -6.56
N ARG B 86 -0.55 23.08 -6.03
CA ARG B 86 -0.41 22.91 -4.59
C ARG B 86 0.90 22.17 -4.34
N ASP B 87 1.30 22.12 -3.08
CA ASP B 87 2.48 21.35 -2.70
C ASP B 87 2.21 19.86 -2.87
N HIS B 88 3.28 19.11 -3.12
CA HIS B 88 3.19 17.66 -3.26
C HIS B 88 4.40 17.02 -2.63
N ASN B 89 4.27 15.73 -2.35
CA ASN B 89 5.39 14.86 -2.03
C ASN B 89 5.47 13.78 -3.12
N LEU B 90 6.31 12.77 -2.89
CA LEU B 90 6.45 11.71 -3.88
C LEU B 90 5.14 10.94 -4.08
N ILE B 91 4.32 10.85 -3.04
CA ILE B 91 3.09 10.06 -3.12
C ILE B 91 2.05 10.78 -3.96
N THR B 92 1.79 12.06 -3.64
CA THR B 92 0.76 12.80 -4.36
C THR B 92 1.24 13.27 -5.73
N ALA B 93 2.54 13.44 -5.92
CA ALA B 93 3.05 13.74 -7.26
C ALA B 93 2.70 12.62 -8.23
N MET B 94 2.82 11.37 -7.78
CA MET B 94 2.47 10.24 -8.63
C MET B 94 0.95 10.11 -8.77
N LYS B 95 0.21 10.30 -7.66
CA LYS B 95 -1.24 10.18 -7.71
C LYS B 95 -1.87 11.15 -8.69
N TYR B 96 -1.33 12.37 -8.78
CA TYR B 96 -1.91 13.41 -9.62
C TYR B 96 -1.09 13.69 -10.87
N SER B 97 -0.04 12.90 -11.12
CA SER B 97 0.78 13.00 -12.32
C SER B 97 1.28 14.43 -12.55
N VAL B 98 1.94 14.95 -11.53
CA VAL B 98 2.38 16.35 -11.51
C VAL B 98 3.66 16.51 -12.32
N VAL B 99 3.51 16.77 -13.62
CA VAL B 99 4.62 16.90 -14.55
C VAL B 99 5.68 17.90 -14.07
N PRO B 100 5.32 19.09 -13.57
CA PRO B 100 6.39 20.02 -13.15
C PRO B 100 7.30 19.47 -12.07
N VAL B 101 6.77 18.62 -11.18
CA VAL B 101 7.60 17.98 -10.17
C VAL B 101 8.61 17.04 -10.82
N TYR B 102 8.16 16.27 -11.81
CA TYR B 102 9.04 15.32 -12.47
C TYR B 102 10.02 15.99 -13.41
N GLN B 103 9.64 17.13 -13.99
CA GLN B 103 10.59 17.89 -14.80
C GLN B 103 11.74 18.41 -13.94
N GLU B 104 11.45 18.80 -12.70
CA GLU B 104 12.50 19.23 -11.80
C GLU B 104 13.39 18.05 -11.38
N PHE B 105 12.77 16.87 -11.18
CA PHE B 105 13.55 15.67 -10.93
C PHE B 105 14.57 15.44 -12.03
N ALA B 106 14.11 15.47 -13.28
CA ALA B 106 14.98 15.14 -14.41
C ALA B 106 16.13 16.13 -14.55
N ARG B 107 15.85 17.42 -14.26
CA ARG B 107 16.91 18.42 -14.36
C ARG B 107 18.00 18.17 -13.31
N GLN B 108 17.60 17.87 -12.07
CA GLN B 108 18.56 17.56 -11.03
C GLN B 108 19.31 16.26 -11.31
N ILE B 109 18.64 15.29 -11.92
CA ILE B 109 19.29 14.03 -12.26
C ILE B 109 20.37 14.25 -13.31
N GLY B 110 20.04 15.02 -14.35
CA GLY B 110 20.99 15.30 -15.41
C GLY B 110 20.91 14.30 -16.54
N GLU B 111 21.26 14.77 -17.73
CA GLU B 111 21.19 13.93 -18.93
C GLU B 111 22.11 12.72 -18.82
N ALA B 112 23.31 12.92 -18.26
CA ALA B 112 24.28 11.83 -18.19
C ALA B 112 23.78 10.69 -17.31
N ARG B 113 23.31 11.02 -16.10
CA ARG B 113 22.87 9.97 -15.19
C ARG B 113 21.51 9.39 -15.60
N MET B 114 20.63 10.20 -16.18
CA MET B 114 19.37 9.69 -16.67
C MET B 114 19.57 8.65 -17.76
N SER B 115 20.54 8.88 -18.66
CA SER B 115 20.78 7.94 -19.74
C SER B 115 21.35 6.62 -19.23
N LYS B 116 22.26 6.69 -18.25
CA LYS B 116 22.84 5.47 -17.71
C LYS B 116 21.81 4.63 -16.95
N MET B 117 20.95 5.29 -16.15
CA MET B 117 19.94 4.55 -15.41
C MET B 117 18.91 3.92 -16.34
N LEU B 118 18.48 4.64 -17.39
CA LEU B 118 17.47 4.09 -18.28
C LEU B 118 18.01 2.88 -19.04
N HIS B 119 19.29 2.90 -19.44
CA HIS B 119 19.87 1.73 -20.09
C HIS B 119 20.04 0.59 -19.10
N ALA B 120 20.50 0.89 -17.89
CA ALA B 120 20.57 -0.15 -16.85
C ALA B 120 19.20 -0.75 -16.59
N PHE B 121 18.15 0.08 -16.64
CA PHE B 121 16.78 -0.41 -16.47
C PHE B 121 16.30 -1.20 -17.67
N ASP B 122 17.00 -1.14 -18.81
CA ASP B 122 16.51 -1.69 -20.06
C ASP B 122 15.14 -1.12 -20.41
N TYR B 123 14.99 0.20 -20.20
CA TYR B 123 13.69 0.86 -20.28
C TYR B 123 13.46 1.36 -21.70
N GLY B 124 12.56 0.69 -22.43
CA GLY B 124 12.19 1.14 -23.75
C GLY B 124 13.35 1.13 -24.71
N ASN B 125 13.42 2.14 -25.58
CA ASN B 125 14.51 2.30 -26.52
C ASN B 125 15.72 3.02 -25.92
N GLU B 126 15.64 3.43 -24.66
CA GLU B 126 16.77 4.00 -23.92
C GLU B 126 17.36 5.24 -24.59
N ASP B 127 16.51 6.04 -25.25
CA ASP B 127 16.94 7.25 -25.97
C ASP B 127 16.25 8.46 -25.33
N ILE B 128 17.01 9.35 -24.70
CA ILE B 128 16.44 10.50 -24.04
C ILE B 128 16.53 11.73 -24.95
N SER B 129 16.62 11.51 -26.25
CA SER B 129 16.72 12.59 -27.23
C SER B 129 15.61 13.60 -26.98
N GLY B 130 15.97 14.88 -27.00
CA GLY B 130 15.07 15.93 -26.61
C GLY B 130 15.51 16.51 -25.28
N ASN B 131 14.66 17.38 -24.74
CA ASN B 131 14.97 18.01 -23.46
C ASN B 131 15.00 16.97 -22.35
N VAL B 132 15.96 17.11 -21.45
CA VAL B 132 16.02 16.16 -20.35
C VAL B 132 14.79 16.29 -19.47
N ASP B 133 14.15 17.46 -19.44
CA ASP B 133 12.93 17.63 -18.65
C ASP B 133 11.65 17.32 -19.41
N SER B 134 11.72 16.95 -20.69
CA SER B 134 10.49 16.68 -21.42
C SER B 134 10.60 15.49 -22.39
N PHE B 135 11.72 14.77 -22.39
CA PHE B 135 11.91 13.71 -23.39
C PHE B 135 10.86 12.62 -23.31
N TRP B 136 10.22 12.43 -22.15
CA TRP B 136 9.16 11.43 -22.04
C TRP B 136 7.79 11.98 -22.45
N LEU B 137 7.73 13.24 -22.89
CA LEU B 137 6.49 13.85 -23.35
C LEU B 137 6.54 14.24 -24.81
N ASP B 138 7.69 14.70 -25.32
CA ASP B 138 7.82 15.08 -26.71
C ASP B 138 9.19 14.72 -27.28
N GLY B 139 9.94 13.88 -26.60
CA GLY B 139 11.27 13.49 -27.02
C GLY B 139 11.29 12.14 -27.71
N GLY B 140 12.41 11.44 -27.56
CA GLY B 140 12.66 10.21 -28.29
C GLY B 140 12.48 8.91 -27.53
N ILE B 141 12.16 8.95 -26.24
CA ILE B 141 11.98 7.72 -25.48
C ILE B 141 10.63 7.11 -25.83
N ARG B 142 10.63 5.82 -26.12
CA ARG B 142 9.43 5.09 -26.50
C ARG B 142 9.46 3.73 -25.81
N ILE B 143 8.29 3.24 -25.43
CA ILE B 143 8.20 1.96 -24.72
C ILE B 143 6.91 1.28 -25.14
N SER B 144 6.99 -0.05 -25.30
CA SER B 144 5.84 -0.86 -25.64
C SER B 144 5.13 -1.36 -24.38
N ALA B 145 3.95 -1.96 -24.57
CA ALA B 145 3.24 -2.56 -23.45
C ALA B 145 4.02 -3.75 -22.88
N THR B 146 4.56 -4.59 -23.76
CA THR B 146 5.36 -5.73 -23.30
C THR B 146 6.65 -5.25 -22.62
N GLU B 147 7.24 -4.16 -23.09
CA GLU B 147 8.42 -3.63 -22.42
C GLU B 147 8.09 -3.04 -21.06
N GLN B 148 6.89 -2.46 -20.91
CA GLN B 148 6.45 -2.03 -19.59
C GLN B 148 6.34 -3.21 -18.64
N ILE B 149 5.78 -4.33 -19.11
CA ILE B 149 5.65 -5.53 -18.27
C ILE B 149 7.02 -5.99 -17.78
N SER B 150 7.99 -6.04 -18.69
CA SER B 150 9.32 -6.50 -18.31
C SER B 150 9.95 -5.59 -17.27
N PHE B 151 9.80 -4.28 -17.44
CA PHE B 151 10.33 -3.32 -16.47
C PHE B 151 9.61 -3.45 -15.13
N LEU B 152 8.28 -3.62 -15.15
CA LEU B 152 7.52 -3.71 -13.91
C LEU B 152 7.83 -5.00 -13.15
N ARG B 153 8.06 -6.10 -13.88
CA ARG B 153 8.37 -7.36 -13.23
C ARG B 153 9.68 -7.28 -12.46
N LYS B 154 10.66 -6.57 -13.01
CA LYS B 154 11.91 -6.37 -12.29
C LYS B 154 11.69 -5.53 -11.04
N LEU B 155 10.89 -4.46 -11.16
CA LEU B 155 10.60 -3.61 -10.01
C LEU B 155 9.91 -4.39 -8.90
N TYR B 156 8.96 -5.26 -9.27
CA TYR B 156 8.26 -6.04 -8.26
C TYR B 156 9.22 -6.92 -7.47
N HIS B 157 10.16 -7.57 -8.16
CA HIS B 157 11.11 -8.48 -7.54
C HIS B 157 12.33 -7.78 -6.98
N ASN B 158 12.36 -6.44 -7.00
CA ASN B 158 13.50 -5.65 -6.53
C ASN B 158 14.77 -5.96 -7.33
N LYS B 159 14.61 -6.33 -8.60
CA LYS B 159 15.74 -6.74 -9.45
C LYS B 159 16.36 -5.59 -10.22
N LEU B 160 15.76 -4.40 -10.20
CA LEU B 160 16.35 -3.27 -10.91
C LEU B 160 17.64 -2.84 -10.25
N HIS B 161 18.52 -2.23 -11.05
CA HIS B 161 19.85 -1.86 -10.56
C HIS B 161 19.80 -0.54 -9.78
N VAL B 162 18.93 -0.48 -8.78
CA VAL B 162 18.89 0.59 -7.80
C VAL B 162 18.77 -0.05 -6.43
N SER B 163 18.77 0.79 -5.39
CA SER B 163 18.66 0.27 -4.03
C SER B 163 17.29 -0.37 -3.82
N GLU B 164 17.26 -1.37 -2.94
CA GLU B 164 15.99 -2.00 -2.57
C GLU B 164 15.04 -0.98 -1.96
N ARG B 165 15.58 -0.03 -1.19
CA ARG B 165 14.75 1.01 -0.58
C ARG B 165 14.07 1.86 -1.64
N SER B 166 14.81 2.25 -2.68
CA SER B 166 14.23 3.03 -3.77
C SER B 166 13.06 2.30 -4.40
N GLN B 167 13.20 1.00 -4.64
CA GLN B 167 12.14 0.23 -5.29
C GLN B 167 10.95 0.03 -4.35
N ARG B 168 11.21 -0.15 -3.06
CA ARG B 168 10.11 -0.26 -2.10
C ARG B 168 9.31 1.03 -2.02
N ILE B 169 10.01 2.18 -1.98
CA ILE B 169 9.31 3.46 -1.87
C ILE B 169 8.48 3.74 -3.11
N VAL B 170 9.03 3.46 -4.29
CA VAL B 170 8.29 3.73 -5.53
C VAL B 170 7.07 2.82 -5.63
N LYS B 171 7.22 1.54 -5.26
CA LYS B 171 6.07 0.65 -5.26
C LYS B 171 5.01 1.11 -4.26
N GLN B 172 5.43 1.74 -3.16
CA GLN B 172 4.45 2.33 -2.25
C GLN B 172 3.70 3.48 -2.92
N ALA B 173 4.41 4.34 -3.64
CA ALA B 173 3.77 5.46 -4.34
C ALA B 173 2.83 4.98 -5.44
N MET B 174 3.08 3.81 -6.02
CA MET B 174 2.24 3.24 -7.05
C MET B 174 0.91 2.72 -6.53
N LEU B 175 0.73 2.65 -5.21
CA LEU B 175 -0.53 2.18 -4.62
C LEU B 175 -1.70 2.98 -5.16
N THR B 176 -2.66 2.29 -5.74
CA THR B 176 -3.84 2.90 -6.34
C THR B 176 -5.13 2.45 -5.70
N GLU B 177 -5.26 1.16 -5.39
CA GLU B 177 -6.50 0.61 -4.87
C GLU B 177 -6.20 -0.67 -4.10
N ALA B 178 -6.88 -0.87 -2.98
CA ALA B 178 -6.71 -2.07 -2.18
C ALA B 178 -7.99 -2.40 -1.44
N ASN B 179 -8.28 -3.70 -1.32
CA ASN B 179 -9.42 -4.19 -0.54
C ASN B 179 -9.10 -5.62 -0.11
N GLY B 180 -10.12 -6.32 0.42
CA GLY B 180 -9.94 -7.69 0.85
C GLY B 180 -9.68 -8.69 -0.25
N ASP B 181 -9.90 -8.31 -1.51
CA ASP B 181 -9.69 -9.24 -2.62
C ASP B 181 -8.40 -9.00 -3.39
N TYR B 182 -7.97 -7.75 -3.57
CA TYR B 182 -6.80 -7.51 -4.40
C TYR B 182 -6.15 -6.18 -4.01
N ILE B 183 -4.91 -6.01 -4.49
CA ILE B 183 -4.17 -4.77 -4.37
C ILE B 183 -3.67 -4.41 -5.77
N ILE B 184 -3.87 -3.15 -6.17
CA ILE B 184 -3.44 -2.67 -7.47
C ILE B 184 -2.42 -1.56 -7.27
N ARG B 185 -1.20 -1.79 -7.75
CA ARG B 185 -0.17 -0.76 -7.83
C ARG B 185 0.03 -0.44 -9.31
N ALA B 186 -0.20 0.80 -9.69
CA ALA B 186 -0.26 1.14 -11.11
C ALA B 186 0.09 2.62 -11.31
N LYS B 187 0.22 3.00 -12.58
CA LYS B 187 0.49 4.38 -12.98
C LYS B 187 -0.24 4.68 -14.27
N THR B 188 -0.99 5.78 -14.28
CA THR B 188 -1.72 6.23 -15.46
C THR B 188 -0.82 7.06 -16.37
N GLY B 189 -1.18 7.11 -17.65
CA GLY B 189 -0.48 7.94 -18.61
C GLY B 189 -1.43 8.53 -19.63
N TYR B 190 -1.12 9.75 -20.06
CA TYR B 190 -1.89 10.44 -21.10
C TYR B 190 -0.91 11.23 -21.98
N SER B 191 -0.68 10.75 -23.20
CA SER B 191 0.22 11.41 -24.14
C SER B 191 -0.58 12.27 -25.11
N THR B 192 -0.30 13.58 -25.11
CA THR B 192 -1.08 14.54 -25.89
C THR B 192 -0.26 15.41 -26.82
N ARG B 193 1.06 15.50 -26.65
CA ARG B 193 1.85 16.46 -27.41
C ARG B 193 2.22 15.96 -28.79
N ILE B 194 2.13 14.66 -29.05
CA ILE B 194 2.44 14.08 -30.35
C ILE B 194 1.42 12.98 -30.64
N GLU B 195 0.95 12.92 -31.88
CA GLU B 195 0.03 11.87 -32.29
C GLU B 195 0.78 10.55 -32.41
N PRO B 196 0.11 9.42 -32.13
CA PRO B 196 -1.30 9.34 -31.71
C PRO B 196 -1.50 9.60 -30.22
N LYS B 197 -2.53 10.38 -29.89
CA LYS B 197 -2.87 10.62 -28.49
C LYS B 197 -3.36 9.33 -27.86
N ILE B 198 -2.64 8.86 -26.83
CA ILE B 198 -2.95 7.58 -26.19
C ILE B 198 -3.01 7.75 -24.69
N GLY B 199 -3.74 6.86 -24.05
CA GLY B 199 -3.79 6.74 -22.60
C GLY B 199 -3.12 5.46 -22.15
N TRP B 200 -2.35 5.54 -21.08
CA TRP B 200 -1.65 4.40 -20.51
C TRP B 200 -2.29 3.97 -19.20
N TRP B 201 -2.17 2.68 -18.90
CA TRP B 201 -2.31 2.19 -17.52
C TRP B 201 -1.45 0.94 -17.39
N VAL B 202 -0.43 1.02 -16.53
CA VAL B 202 0.51 -0.07 -16.34
C VAL B 202 0.68 -0.30 -14.84
N GLY B 203 0.89 -1.56 -14.48
CA GLY B 203 1.03 -1.93 -13.08
C GLY B 203 0.87 -3.43 -12.90
N TRP B 204 0.35 -3.81 -11.74
CA TRP B 204 0.08 -5.21 -11.47
C TRP B 204 -1.00 -5.33 -10.41
N VAL B 205 -1.61 -6.51 -10.36
CA VAL B 205 -2.64 -6.84 -9.39
C VAL B 205 -2.06 -7.90 -8.45
N GLU B 206 -1.90 -7.55 -7.18
CA GLU B 206 -1.41 -8.48 -6.19
C GLU B 206 -2.57 -9.28 -5.61
N LEU B 207 -2.49 -10.60 -5.73
CA LEU B 207 -3.43 -11.50 -5.10
C LEU B 207 -2.75 -12.16 -3.90
N ASP B 208 -3.50 -13.02 -3.20
CA ASP B 208 -2.95 -13.72 -2.05
C ASP B 208 -1.80 -14.63 -2.47
N ASP B 209 -1.94 -15.30 -3.62
CA ASP B 209 -0.97 -16.31 -4.02
C ASP B 209 -0.53 -16.16 -5.48
N ASN B 210 -0.78 -15.01 -6.09
CA ASN B 210 -0.31 -14.75 -7.44
C ASN B 210 -0.24 -13.25 -7.66
N VAL B 211 0.50 -12.85 -8.69
CA VAL B 211 0.60 -11.46 -9.12
C VAL B 211 0.35 -11.42 -10.62
N TRP B 212 -0.59 -10.55 -11.03
CA TRP B 212 -0.95 -10.38 -12.43
C TRP B 212 -0.47 -9.01 -12.88
N PHE B 213 0.59 -9.00 -13.70
CA PHE B 213 1.07 -7.76 -14.29
C PHE B 213 0.19 -7.37 -15.48
N PHE B 214 0.03 -6.07 -15.68
CA PHE B 214 -0.76 -5.58 -16.80
C PHE B 214 -0.14 -4.31 -17.35
N ALA B 215 -0.34 -4.11 -18.65
CA ALA B 215 0.05 -2.88 -19.32
C ALA B 215 -0.91 -2.68 -20.49
N MET B 216 -1.57 -1.53 -20.51
CA MET B 216 -2.53 -1.22 -21.56
C MET B 216 -2.29 0.18 -22.10
N ASN B 217 -2.56 0.36 -23.38
CA ASN B 217 -2.65 1.68 -23.98
C ASN B 217 -3.78 1.66 -24.99
N MET B 218 -4.34 2.85 -25.25
CA MET B 218 -5.50 2.98 -26.11
C MET B 218 -5.51 4.39 -26.70
N ASP B 219 -6.07 4.50 -27.90
CA ASP B 219 -6.20 5.81 -28.53
C ASP B 219 -7.08 6.71 -27.68
N MET B 220 -6.64 7.94 -27.46
CA MET B 220 -7.31 8.90 -26.60
C MET B 220 -7.44 10.24 -27.31
N PRO B 221 -8.34 10.34 -28.30
CA PRO B 221 -8.44 11.60 -29.06
C PRO B 221 -8.90 12.78 -28.22
N THR B 222 -9.83 12.57 -27.30
CA THR B 222 -10.26 13.60 -26.36
C THR B 222 -10.11 13.08 -24.94
N SER B 223 -10.06 14.01 -24.00
CA SER B 223 -9.89 13.67 -22.58
C SER B 223 -11.14 13.03 -21.97
N ASP B 224 -12.24 12.92 -22.72
CA ASP B 224 -13.46 12.38 -22.16
C ASP B 224 -13.40 10.87 -21.93
N GLY B 225 -12.46 10.17 -22.57
CA GLY B 225 -12.38 8.74 -22.44
C GLY B 225 -11.28 8.25 -21.53
N LEU B 226 -10.78 9.13 -20.65
CA LEU B 226 -9.66 8.77 -19.78
C LEU B 226 -10.05 7.67 -18.80
N GLY B 227 -11.31 7.66 -18.35
CA GLY B 227 -11.77 6.61 -17.45
C GLY B 227 -11.78 5.23 -18.06
N LEU B 228 -11.80 5.14 -19.39
CA LEU B 228 -11.75 3.86 -20.07
C LEU B 228 -10.44 3.12 -19.82
N ARG B 229 -9.37 3.84 -19.47
CA ARG B 229 -8.09 3.20 -19.19
C ARG B 229 -8.23 2.16 -18.08
N GLN B 230 -8.84 2.57 -16.96
CA GLN B 230 -9.04 1.64 -15.86
C GLN B 230 -10.22 0.71 -16.11
N ALA B 231 -11.28 1.23 -16.73
CA ALA B 231 -12.50 0.45 -16.90
C ALA B 231 -12.28 -0.74 -17.84
N ILE B 232 -11.65 -0.50 -18.98
CA ILE B 232 -11.41 -1.58 -19.94
C ILE B 232 -10.48 -2.63 -19.33
N THR B 233 -9.46 -2.17 -18.59
CA THR B 233 -8.55 -3.10 -17.94
C THR B 233 -9.30 -3.97 -16.93
N LYS B 234 -10.15 -3.35 -16.11
CA LYS B 234 -10.88 -4.12 -15.10
C LYS B 234 -11.90 -5.07 -15.73
N GLU B 235 -12.43 -4.73 -16.90
CA GLU B 235 -13.29 -5.67 -17.61
C GLU B 235 -12.52 -6.92 -18.01
N VAL B 236 -11.26 -6.76 -18.40
CA VAL B 236 -10.43 -7.90 -18.76
C VAL B 236 -10.03 -8.67 -17.51
N LEU B 237 -9.71 -7.95 -16.42
CA LEU B 237 -9.39 -8.63 -15.17
C LEU B 237 -10.60 -9.39 -14.63
N LYS B 238 -11.79 -8.82 -14.77
CA LYS B 238 -13.00 -9.52 -14.34
C LYS B 238 -13.27 -10.74 -15.23
N GLN B 239 -13.10 -10.58 -16.54
CA GLN B 239 -13.33 -11.71 -17.45
C GLN B 239 -12.36 -12.85 -17.20
N GLU B 240 -11.13 -12.54 -16.79
CA GLU B 240 -10.10 -13.55 -16.55
C GLU B 240 -10.09 -14.06 -15.12
N LYS B 241 -11.14 -13.79 -14.35
CA LYS B 241 -11.29 -14.28 -12.96
C LYS B 241 -10.20 -13.74 -12.05
N ILE B 242 -9.56 -12.64 -12.41
CA ILE B 242 -8.47 -12.11 -11.59
C ILE B 242 -9.02 -11.26 -10.44
N ILE B 243 -9.98 -10.39 -10.75
CA ILE B 243 -10.69 -9.65 -9.71
C ILE B 243 -12.16 -10.07 -9.75
N PRO B 244 -12.88 -10.05 -8.63
CA PRO B 244 -14.29 -10.42 -8.63
C PRO B 244 -15.16 -9.43 -9.39
C7 IM2 C . -6.64 -11.94 17.28
C2 IM2 C . -9.92 -13.17 14.54
C6 IM2 C . -7.39 -13.21 16.96
C5 IM2 C . -7.69 -13.33 15.46
C3 IM2 C . -9.27 -11.96 14.38
O7 IM2 C . -7.17 -11.00 17.77
C61 IM2 C . -6.80 -14.46 17.64
O62 IM2 C . -7.83 -15.46 17.73
C62 IM2 C . -6.28 -14.18 19.03
N4 IM2 C . -8.00 -12.03 14.88
C31 IM2 C . -9.78 -10.70 13.82
O31 IM2 C . -10.64 -10.71 12.95
O32 IM2 C . -9.26 -9.61 14.28
S21 IM2 C . -11.56 -13.65 14.16
C22 IM2 C . -11.53 -13.97 12.37
C23 IM2 C . -12.97 -14.10 11.92
N24 IM2 C . -13.71 -15.10 12.67
C25 IM2 C . -15.06 -15.16 12.64
N26 IM2 C . -15.73 -14.32 11.91
C1 IM2 C . -8.97 -14.13 15.20
CL CL D . -1.41 -12.89 16.65
CL CL E . 7.99 2.06 1.75
C7 IM2 F . 0.68 12.11 -18.16
C2 IM2 F . -3.37 13.44 -16.78
C6 IM2 F . -0.07 13.43 -18.11
C5 IM2 F . -0.95 13.57 -16.84
C3 IM2 F . -2.83 12.22 -16.43
O7 IM2 F . 0.27 11.21 -18.82
C61 IM2 F . 0.67 14.70 -18.57
O62 IM2 F . -0.28 15.58 -19.17
C62 IM2 F . 1.76 14.40 -19.57
N4 IM2 F . -1.46 12.26 -16.44
C31 IM2 F . -3.51 10.96 -16.14
O31 IM2 F . -2.91 9.90 -16.27
O32 IM2 F . -4.75 11.03 -15.78
S21 IM2 F . -5.06 13.88 -16.94
C22 IM2 F . -5.05 15.54 -17.67
C23 IM2 F . -6.50 15.90 -17.95
N24 IM2 F . -7.33 15.80 -16.76
C25 IM2 F . -8.66 16.06 -16.78
N26 IM2 F . -9.24 16.42 -17.89
C1 IM2 F . -2.22 14.38 -17.05
CL CL G . 2.09 -0.14 0.44
CL CL H . 5.52 13.13 -15.93
#